data_4FR9
#
_entry.id   4FR9
#
_cell.length_a   35.879
_cell.length_b   36.977
_cell.length_c   115.061
_cell.angle_alpha   90.000
_cell.angle_beta   90.000
_cell.angle_gamma   90.000
#
_symmetry.space_group_name_H-M   'P 21 21 21'
#
loop_
_entity.id
_entity.type
_entity.pdbx_description
1 polymer 'Uncharacterized protein'
2 water water
#
_entity_poly.entity_id   1
_entity_poly.type   'polypeptide(L)'
_entity_poly.pdbx_seq_one_letter_code
;GGDDDDTGYLPPSQAIQDAL(MLY)(MLY)LYPNATAI(MLY)WEQ(MLY)GVYYVADCQADGRE(MLY)EVWFDANANW
L(MSE)TETELNSINNLPPAVLTAF(MSE)ESSYNNWVVDDVVILEYPNEPSTEFVVTVEQG(MLY)(MLY)VDLYFSEG
GGLLHE(MLY)DVTNGDDTHWPRV
;
_entity_poly.pdbx_strand_id   A
#
# COMPACT_ATOMS: atom_id res chain seq x y z
N ASP A 4 13.11 -7.10 -17.05
CA ASP A 4 13.68 -7.85 -18.23
C ASP A 4 14.82 -7.09 -18.94
N ASP A 5 15.46 -7.79 -19.88
CA ASP A 5 16.52 -7.18 -20.70
C ASP A 5 16.02 -5.94 -21.43
N ASP A 6 14.75 -5.93 -21.86
CA ASP A 6 14.21 -4.79 -22.62
C ASP A 6 14.25 -3.44 -21.89
N THR A 7 14.21 -3.44 -20.55
CA THR A 7 14.33 -2.18 -19.79
C THR A 7 15.68 -2.12 -19.05
N GLY A 8 16.58 -3.05 -19.35
CA GLY A 8 17.88 -3.07 -18.70
C GLY A 8 17.81 -3.45 -17.23
N TYR A 9 16.79 -4.23 -16.84
CA TYR A 9 16.63 -4.64 -15.45
C TYR A 9 17.90 -5.30 -14.93
N LEU A 10 18.28 -4.91 -13.73
CA LEU A 10 19.37 -5.54 -12.99
C LEU A 10 18.80 -6.08 -11.68
N PRO A 11 19.15 -7.31 -11.30
CA PRO A 11 18.65 -7.83 -10.01
CA PRO A 11 18.66 -7.82 -10.01
C PRO A 11 19.17 -7.00 -8.83
N PRO A 12 18.41 -6.98 -7.73
CA PRO A 12 18.84 -6.21 -6.60
C PRO A 12 20.11 -6.79 -5.98
N SER A 13 20.89 -5.89 -5.41
CA SER A 13 22.05 -6.29 -4.64
C SER A 13 21.65 -7.26 -3.52
N GLN A 14 22.61 -8.04 -3.06
CA GLN A 14 22.36 -8.94 -1.95
C GLN A 14 21.93 -8.14 -0.71
N ALA A 15 22.48 -6.94 -0.54
CA ALA A 15 22.12 -6.12 0.61
C ALA A 15 20.61 -5.78 0.62
N ILE A 16 20.04 -5.46 -0.54
CA ILE A 16 18.63 -5.22 -0.63
C ILE A 16 17.84 -6.47 -0.30
N GLN A 17 18.27 -7.61 -0.84
CA GLN A 17 17.61 -8.88 -0.55
C GLN A 17 17.67 -9.22 0.93
N ASP A 18 18.83 -9.00 1.55
CA ASP A 18 18.99 -9.24 2.98
C ASP A 18 18.14 -8.31 3.85
N ALA A 19 17.96 -7.08 3.39
CA ALA A 19 17.14 -6.11 4.09
C ALA A 19 15.69 -6.57 4.08
N LEU A 20 15.21 -7.10 2.96
CA LEU A 20 13.86 -7.67 2.93
C LEU A 20 13.70 -8.84 3.91
N MLY A 21 14.68 -9.74 3.91
CA MLY A 21 14.62 -10.96 4.75
CB MLY A 21 15.82 -11.89 4.43
CG MLY A 21 15.90 -13.24 5.20
C MLY A 21 14.58 -10.59 6.22
O MLY A 21 13.92 -11.24 7.03
N MLY A 22 15.31 -9.54 6.57
CA MLY A 22 15.32 -9.09 7.95
CB MLY A 22 16.42 -8.08 8.21
CG MLY A 22 16.51 -7.66 9.69
CD MLY A 22 17.55 -6.58 9.88
C MLY A 22 13.98 -8.47 8.37
O MLY A 22 13.50 -8.73 9.48
N LEU A 23 13.40 -7.64 7.51
CA LEU A 23 12.15 -6.95 7.75
CA LEU A 23 12.17 -6.97 7.84
C LEU A 23 10.98 -7.91 7.80
N TYR A 24 10.96 -8.81 6.82
CA TYR A 24 9.91 -9.75 6.61
C TYR A 24 10.48 -11.18 6.46
N PRO A 25 10.83 -11.79 7.59
CA PRO A 25 11.40 -13.15 7.54
C PRO A 25 10.43 -14.19 6.95
N ASN A 26 9.13 -13.97 7.03
CA ASN A 26 8.15 -14.92 6.51
CA ASN A 26 8.21 -14.96 6.49
C ASN A 26 7.84 -14.72 5.01
N ALA A 27 8.44 -13.71 4.37
CA ALA A 27 8.14 -13.42 2.96
C ALA A 27 8.51 -14.57 2.04
N THR A 28 7.55 -14.92 1.19
CA THR A 28 7.71 -15.95 0.18
C THR A 28 7.20 -15.45 -1.18
N ALA A 29 7.39 -16.26 -2.22
CA ALA A 29 7.01 -15.92 -3.59
C ALA A 29 7.57 -14.57 -4.03
N ILE A 30 8.82 -14.32 -3.64
CA ILE A 30 9.42 -13.01 -3.86
C ILE A 30 9.82 -12.80 -5.30
N MLY A 31 9.32 -11.74 -5.92
CA MLY A 31 9.72 -11.29 -7.24
CB MLY A 31 8.62 -11.53 -8.28
CG MLY A 31 7.57 -10.47 -8.44
C MLY A 31 10.12 -9.81 -7.14
O MLY A 31 9.43 -9.04 -6.50
N TRP A 32 11.21 -9.42 -7.74
CA TRP A 32 11.74 -8.08 -7.71
C TRP A 32 11.54 -7.35 -9.02
N GLU A 33 11.36 -6.03 -8.90
CA GLU A 33 11.30 -5.17 -10.06
CA GLU A 33 11.15 -5.09 -10.01
C GLU A 33 11.94 -3.84 -9.69
N GLN A 34 12.47 -3.13 -10.68
CA GLN A 34 12.92 -1.77 -10.54
C GLN A 34 11.80 -0.83 -10.93
N MLY A 35 11.65 0.24 -10.14
CA MLY A 35 10.75 1.33 -10.46
CB MLY A 35 9.41 1.22 -9.73
CG MLY A 35 8.62 -0.03 -10.08
CD MLY A 35 7.23 -0.07 -9.46
CE MLY A 35 6.48 -1.28 -9.92
NZ MLY A 35 5.08 -1.40 -9.38
CH1 MLY A 35 4.33 -2.41 -10.18
CH2 MLY A 35 5.06 -1.67 -7.92
C MLY A 35 11.43 2.63 -10.13
O MLY A 35 11.64 2.92 -8.96
N GLY A 36 11.82 3.41 -11.14
CA GLY A 36 12.55 4.64 -10.86
C GLY A 36 13.82 4.32 -10.10
N VAL A 37 14.04 5.03 -9.02
CA VAL A 37 15.19 4.82 -8.17
C VAL A 37 15.02 3.72 -7.10
N TYR A 38 13.90 3.01 -7.14
CA TYR A 38 13.55 2.01 -6.13
C TYR A 38 13.66 0.56 -6.66
N TYR A 39 13.78 -0.38 -5.72
CA TYR A 39 13.53 -1.77 -5.94
C TYR A 39 12.30 -2.15 -5.15
N VAL A 40 11.42 -2.93 -5.75
CA VAL A 40 10.18 -3.32 -5.15
C VAL A 40 10.09 -4.83 -5.16
N ALA A 41 9.88 -5.42 -3.99
CA ALA A 41 9.64 -6.85 -3.84
C ALA A 41 8.13 -7.11 -3.75
N ASP A 42 7.60 -7.84 -4.73
CA ASP A 42 6.24 -8.33 -4.73
C ASP A 42 6.31 -9.71 -4.06
N CYS A 43 5.62 -9.89 -2.96
CA CYS A 43 5.73 -11.09 -2.17
C CYS A 43 4.45 -11.39 -1.41
N GLN A 44 4.43 -12.53 -0.73
CA GLN A 44 3.39 -12.88 0.25
C GLN A 44 4.08 -12.94 1.58
N ALA A 45 3.40 -12.44 2.61
CA ALA A 45 3.93 -12.50 3.96
C ALA A 45 2.76 -12.36 4.93
N ASP A 46 2.77 -13.23 5.93
CA ASP A 46 1.81 -13.21 7.02
C ASP A 46 0.37 -13.32 6.48
N GLY A 47 0.21 -14.12 5.42
CA GLY A 47 -1.07 -14.39 4.79
C GLY A 47 -1.56 -13.35 3.79
N ARG A 48 -0.75 -12.33 3.52
CA ARG A 48 -1.19 -11.23 2.66
C ARG A 48 -0.22 -10.94 1.52
N GLU A 49 -0.77 -10.49 0.40
CA GLU A 49 0.01 -9.97 -0.73
C GLU A 49 0.58 -8.60 -0.38
N MLY A 50 1.89 -8.42 -0.58
CA MLY A 50 2.61 -7.19 -0.28
CB MLY A 50 3.46 -7.34 0.99
CG MLY A 50 2.62 -7.68 2.21
CD MLY A 50 3.39 -7.70 3.49
CE MLY A 50 2.43 -8.17 4.60
NZ MLY A 50 2.67 -7.74 5.98
CH1 MLY A 50 2.84 -6.28 6.02
CH2 MLY A 50 1.51 -8.14 6.81
C MLY A 50 3.54 -6.74 -1.40
O MLY A 50 4.03 -7.55 -2.20
N GLU A 51 3.77 -5.43 -1.42
CA GLU A 51 4.80 -4.80 -2.24
C GLU A 51 5.67 -4.00 -1.28
N VAL A 52 6.96 -4.32 -1.25
CA VAL A 52 7.89 -3.78 -0.29
C VAL A 52 8.97 -2.98 -1.01
N TRP A 53 9.08 -1.71 -0.68
CA TRP A 53 9.90 -0.76 -1.42
C TRP A 53 11.20 -0.41 -0.69
N PHE A 54 12.30 -0.41 -1.44
CA PHE A 54 13.64 -0.07 -0.95
C PHE A 54 14.28 0.93 -1.85
N ASP A 55 15.12 1.77 -1.26
CA ASP A 55 16.00 2.62 -2.06
C ASP A 55 17.32 1.93 -2.36
N ALA A 56 18.19 2.64 -3.07
CA ALA A 56 19.46 2.08 -3.49
C ALA A 56 20.41 1.82 -2.34
N ASN A 57 20.16 2.43 -1.20
CA ASN A 57 20.95 2.17 0.02
C ASN A 57 20.38 0.98 0.81
N ALA A 58 19.43 0.22 0.25
CA ALA A 58 18.80 -0.93 0.89
C ALA A 58 18.00 -0.51 2.11
N ASN A 59 17.47 0.72 2.11
CA ASN A 59 16.64 1.21 3.18
C ASN A 59 15.18 1.10 2.81
N TRP A 60 14.42 0.58 3.75
CA TRP A 60 12.99 0.35 3.58
C TRP A 60 12.23 1.67 3.58
N LEU A 61 11.37 1.86 2.57
CA LEU A 61 10.62 3.09 2.46
C LEU A 61 9.11 2.92 2.57
N MSE A 62 8.57 1.77 2.22
CA MSE A 62 7.12 1.59 2.25
C MSE A 62 6.77 0.14 2.04
O MSE A 62 7.42 -0.56 1.30
CB MSE A 62 6.46 2.41 1.14
CG MSE A 62 4.91 2.51 1.31
SE MSE A 62 4.12 3.64 -0.06
CE MSE A 62 4.27 2.44 -1.52
N THR A 63 5.67 -0.30 2.67
CA THR A 63 5.02 -1.55 2.32
C THR A 63 3.57 -1.28 2.02
N GLU A 64 3.08 -1.79 0.90
CA GLU A 64 1.67 -1.82 0.60
C GLU A 64 1.16 -3.25 0.75
N THR A 65 0.11 -3.42 1.56
CA THR A 65 -0.51 -4.71 1.79
C THR A 65 -1.92 -4.71 1.23
N GLU A 66 -2.25 -5.70 0.42
CA GLU A 66 -3.58 -5.83 -0.10
CA GLU A 66 -3.60 -5.87 -0.10
C GLU A 66 -4.53 -6.43 0.96
N LEU A 67 -5.67 -5.77 1.17
CA LEU A 67 -6.72 -6.27 2.05
C LEU A 67 -7.90 -6.70 1.18
N ASN A 68 -8.74 -7.60 1.67
CA ASN A 68 -9.76 -8.23 0.76
C ASN A 68 -11.03 -7.33 0.64
N SER A 69 -11.26 -6.51 1.65
CA SER A 69 -12.55 -5.83 1.80
C SER A 69 -12.46 -4.88 2.97
N ILE A 70 -13.46 -4.02 3.09
CA ILE A 70 -13.54 -3.14 4.25
C ILE A 70 -13.64 -3.90 5.57
N ASN A 71 -14.11 -5.15 5.56
CA ASN A 71 -14.16 -5.90 6.78
C ASN A 71 -12.80 -6.28 7.32
N ASN A 72 -11.74 -6.06 6.54
CA ASN A 72 -10.38 -6.27 7.04
C ASN A 72 -9.77 -5.03 7.67
N LEU A 73 -10.51 -3.92 7.68
CA LEU A 73 -10.05 -2.69 8.33
C LEU A 73 -10.21 -2.84 9.83
N PRO A 74 -9.34 -2.18 10.61
CA PRO A 74 -9.53 -2.17 12.07
C PRO A 74 -10.85 -1.47 12.42
N PRO A 75 -11.39 -1.77 13.60
CA PRO A 75 -12.67 -1.21 14.01
C PRO A 75 -12.82 0.32 13.82
N ALA A 76 -11.84 1.09 14.28
CA ALA A 76 -11.98 2.54 14.20
C ALA A 76 -12.04 3.01 12.76
N VAL A 77 -11.34 2.32 11.87
CA VAL A 77 -11.26 2.71 10.46
C VAL A 77 -12.54 2.29 9.74
N LEU A 78 -13.00 1.06 9.98
CA LEU A 78 -14.27 0.64 9.37
C LEU A 78 -15.40 1.59 9.80
N THR A 79 -15.44 1.93 11.09
CA THR A 79 -16.45 2.84 11.60
C THR A 79 -16.36 4.19 10.89
N ALA A 80 -15.14 4.73 10.78
CA ALA A 80 -14.96 6.02 10.11
C ALA A 80 -15.45 5.97 8.67
N PHE A 81 -15.13 4.90 7.95
CA PHE A 81 -15.57 4.80 6.56
C PHE A 81 -17.09 4.77 6.50
N MSE A 82 -17.71 3.95 7.36
CA MSE A 82 -19.16 3.81 7.32
CA MSE A 82 -19.17 3.79 7.38
C MSE A 82 -19.91 5.05 7.78
O MSE A 82 -21.09 5.22 7.44
CB MSE A 82 -19.58 2.59 8.10
CB MSE A 82 -19.57 2.64 8.31
CG MSE A 82 -19.14 1.32 7.45
CG MSE A 82 -19.05 1.26 7.93
SE MSE A 82 -19.94 -0.24 8.27
SE MSE A 82 -19.58 0.60 6.17
CE MSE A 82 -21.73 -0.03 7.59
CE MSE A 82 -21.34 -0.17 6.61
N GLU A 83 -19.25 5.93 8.53
CA GLU A 83 -19.80 7.24 8.94
C GLU A 83 -19.59 8.31 7.88
N SER A 84 -18.70 8.08 6.93
CA SER A 84 -18.24 9.11 5.99
C SER A 84 -19.26 9.39 4.91
N SER A 85 -19.02 10.50 4.18
CA SER A 85 -19.80 10.92 3.02
CA SER A 85 -19.93 10.84 3.09
C SER A 85 -19.72 9.92 1.87
N TYR A 86 -18.75 9.01 1.94
CA TYR A 86 -18.51 8.04 0.87
C TYR A 86 -19.07 6.63 1.18
N ASN A 87 -19.85 6.55 2.25
CA ASN A 87 -20.26 5.25 2.79
CA ASN A 87 -20.27 5.26 2.79
C ASN A 87 -21.13 4.44 1.83
N ASN A 88 -21.78 5.15 0.89
CA ASN A 88 -22.67 4.68 -0.16
CA ASN A 88 -22.59 4.42 -0.10
C ASN A 88 -21.98 4.32 -1.49
N TRP A 89 -20.69 4.66 -1.60
CA TRP A 89 -19.97 4.47 -2.83
C TRP A 89 -19.52 3.02 -2.99
N VAL A 90 -19.31 2.60 -4.22
CA VAL A 90 -18.77 1.30 -4.49
C VAL A 90 -17.29 1.25 -4.05
N VAL A 91 -16.92 0.21 -3.32
CA VAL A 91 -15.54 0.01 -2.93
C VAL A 91 -14.83 -0.84 -3.98
N ASP A 92 -13.76 -0.27 -4.53
CA ASP A 92 -12.94 -0.92 -5.51
C ASP A 92 -11.73 -1.64 -4.95
N ASP A 93 -11.11 -1.11 -3.90
CA ASP A 93 -9.97 -1.77 -3.30
CA ASP A 93 -9.84 -1.61 -3.39
C ASP A 93 -9.74 -1.22 -1.90
N VAL A 94 -9.01 -2.00 -1.13
CA VAL A 94 -8.64 -1.68 0.24
C VAL A 94 -7.22 -2.12 0.47
N VAL A 95 -6.34 -1.21 0.90
CA VAL A 95 -4.94 -1.55 1.15
C VAL A 95 -4.47 -0.87 2.42
N ILE A 96 -3.34 -1.33 2.92
CA ILE A 96 -2.59 -0.69 3.98
CA ILE A 96 -2.64 -0.65 3.98
C ILE A 96 -1.27 -0.18 3.43
N LEU A 97 -0.89 1.06 3.75
CA LEU A 97 0.42 1.62 3.46
C LEU A 97 1.12 1.86 4.76
N GLU A 98 2.34 1.32 4.88
CA GLU A 98 3.16 1.50 6.05
C GLU A 98 4.47 2.14 5.67
N TYR A 99 4.97 3.02 6.53
CA TYR A 99 6.13 3.85 6.27
C TYR A 99 7.04 3.92 7.48
N PRO A 100 8.30 4.31 7.27
CA PRO A 100 9.23 4.49 8.37
C PRO A 100 9.09 5.81 9.15
N ASN A 101 8.24 6.71 8.70
CA ASN A 101 7.98 7.95 9.39
C ASN A 101 6.48 8.14 9.59
N GLU A 102 6.14 9.13 10.40
CA GLU A 102 4.74 9.34 10.77
C GLU A 102 3.97 10.18 9.77
N PRO A 103 2.66 9.89 9.59
CA PRO A 103 1.92 8.75 10.19
C PRO A 103 2.38 7.45 9.58
N SER A 104 2.67 6.49 10.41
CA SER A 104 3.32 5.30 9.93
C SER A 104 2.46 4.24 9.31
N THR A 105 1.16 4.36 9.49
CA THR A 105 0.19 3.50 8.85
C THR A 105 -0.91 4.36 8.26
N GLU A 106 -1.28 4.09 7.03
CA GLU A 106 -2.47 4.68 6.33
CA GLU A 106 -2.51 4.62 6.50
C GLU A 106 -3.28 3.52 5.81
N PHE A 107 -4.58 3.52 6.01
CA PHE A 107 -5.50 2.57 5.37
C PHE A 107 -6.16 3.31 4.22
N VAL A 108 -6.11 2.73 3.01
CA VAL A 108 -6.60 3.39 1.82
C VAL A 108 -7.77 2.61 1.27
N VAL A 109 -8.91 3.26 1.23
CA VAL A 109 -10.12 2.70 0.66
C VAL A 109 -10.39 3.42 -0.65
N THR A 110 -10.39 2.70 -1.78
CA THR A 110 -10.69 3.27 -3.08
C THR A 110 -12.16 3.08 -3.36
N VAL A 111 -12.86 4.20 -3.59
CA VAL A 111 -14.28 4.21 -3.82
C VAL A 111 -14.60 4.89 -5.16
N GLU A 112 -15.72 4.50 -5.73
CA GLU A 112 -16.13 5.12 -6.99
CA GLU A 112 -16.14 5.04 -7.04
C GLU A 112 -17.61 5.43 -7.04
N GLN A 113 -17.90 6.57 -7.66
CA GLN A 113 -19.27 7.01 -7.95
C GLN A 113 -19.09 8.00 -9.10
N GLY A 114 -18.81 7.47 -10.28
CA GLY A 114 -18.35 8.30 -11.42
C GLY A 114 -16.86 8.55 -11.27
N MLY A 115 -16.53 9.54 -10.43
CA MLY A 115 -15.17 9.82 -10.00
CB MLY A 115 -15.10 11.12 -9.18
C MLY A 115 -14.66 8.67 -9.12
O MLY A 115 -15.46 7.96 -8.52
N MLY A 116 -13.36 8.47 -9.09
CA MLY A 116 -12.74 7.47 -8.23
CB MLY A 116 -11.89 6.50 -9.05
CG MLY A 116 -11.37 5.29 -8.31
CD MLY A 116 -10.51 4.38 -9.18
CE MLY A 116 -11.30 3.54 -10.16
NZ MLY A 116 -10.53 2.33 -10.67
CH1 MLY A 116 -9.17 2.68 -11.11
CH2 MLY A 116 -10.44 1.27 -9.62
C MLY A 116 -11.87 8.22 -7.23
O MLY A 116 -11.09 9.08 -7.64
N VAL A 117 -11.97 7.87 -5.94
CA VAL A 117 -11.30 8.58 -4.89
C VAL A 117 -10.62 7.58 -3.98
N ASP A 118 -9.38 7.88 -3.63
CA ASP A 118 -8.65 7.13 -2.59
C ASP A 118 -8.78 7.87 -1.28
N LEU A 119 -9.38 7.20 -0.30
CA LEU A 119 -9.59 7.75 1.04
C LEU A 119 -8.50 7.16 1.92
N TYR A 120 -7.70 8.05 2.51
CA TYR A 120 -6.59 7.66 3.37
C TYR A 120 -7.00 7.92 4.81
N PHE A 121 -7.03 6.85 5.61
CA PHE A 121 -7.39 6.93 7.03
C PHE A 121 -6.21 6.61 7.92
N SER A 122 -6.12 7.34 9.04
CA SER A 122 -5.22 6.98 10.10
C SER A 122 -5.73 5.74 10.81
N GLU A 123 -4.87 5.12 11.63
CA GLU A 123 -5.22 3.95 12.47
CA GLU A 123 -5.29 3.93 12.34
C GLU A 123 -6.39 4.24 13.37
N GLY A 124 -6.46 5.49 13.85
CA GLY A 124 -7.54 5.88 14.72
C GLY A 124 -8.83 6.29 14.04
N GLY A 125 -8.89 6.20 12.72
CA GLY A 125 -10.08 6.48 11.99
C GLY A 125 -10.23 7.90 11.52
N GLY A 126 -9.17 8.65 11.50
CA GLY A 126 -9.24 10.00 10.97
C GLY A 126 -8.98 10.05 9.48
N LEU A 127 -9.69 10.90 8.74
CA LEU A 127 -9.49 11.04 7.31
C LEU A 127 -8.32 11.97 7.04
N LEU A 128 -7.23 11.41 6.54
CA LEU A 128 -5.99 12.15 6.28
C LEU A 128 -5.96 12.78 4.88
N HIS A 129 -6.53 12.14 3.90
CA HIS A 129 -6.53 12.64 2.55
CA HIS A 129 -6.45 12.58 2.50
C HIS A 129 -7.65 12.01 1.73
N GLU A 130 -8.11 12.75 0.74
CA GLU A 130 -9.06 12.31 -0.27
C GLU A 130 -8.45 12.65 -1.62
N MLY A 131 -7.93 11.66 -2.32
CA MLY A 131 -7.18 11.92 -3.55
CB MLY A 131 -5.79 11.22 -3.48
CG MLY A 131 -4.90 11.63 -2.27
CD MLY A 131 -3.38 11.22 -2.33
CE MLY A 131 -2.65 11.47 -0.98
NZ MLY A 131 -1.16 11.47 -1.07
CH1 MLY A 131 -0.56 11.85 0.23
CH2 MLY A 131 -0.65 10.15 -1.44
C MLY A 131 -7.97 11.41 -4.76
O MLY A 131 -8.35 10.22 -4.81
N ASP A 132 -8.19 12.28 -5.73
CA ASP A 132 -8.92 11.87 -6.92
C ASP A 132 -7.98 11.03 -7.79
N VAL A 133 -8.41 9.83 -8.14
CA VAL A 133 -7.62 8.90 -8.92
C VAL A 133 -8.41 8.41 -10.15
N THR A 134 -9.38 9.22 -10.57
CA THR A 134 -10.21 8.86 -11.74
C THR A 134 -9.36 8.60 -12.99
N ASN A 135 -8.30 9.39 -13.15
CA ASN A 135 -7.39 9.27 -14.30
C ASN A 135 -5.93 9.18 -13.86
N GLY A 136 -5.11 8.59 -14.72
CA GLY A 136 -3.66 8.52 -14.49
C GLY A 136 -3.30 7.49 -13.42
N ASP A 137 -2.12 7.71 -12.83
CA ASP A 137 -1.50 6.81 -11.83
C ASP A 137 -2.38 6.68 -10.58
N ASP A 138 -3.02 5.52 -10.39
CA ASP A 138 -3.81 5.28 -9.16
C ASP A 138 -2.98 4.46 -8.18
N THR A 139 -1.67 4.39 -8.44
CA THR A 139 -0.76 3.56 -7.66
C THR A 139 0.02 4.35 -6.61
N HIS A 140 0.57 3.60 -5.64
CA HIS A 140 1.10 4.25 -4.46
C HIS A 140 2.60 4.17 -4.47
N TRP A 141 3.24 5.32 -4.26
CA TRP A 141 4.67 5.46 -4.23
C TRP A 141 5.17 5.90 -2.87
N PRO A 142 6.43 5.62 -2.56
CA PRO A 142 6.95 6.12 -1.30
C PRO A 142 6.89 7.63 -1.14
N ARG A 143 7.00 8.07 0.11
CA ARG A 143 7.03 9.49 0.40
C ARG A 143 8.30 10.20 0.00
N VAL A 144 9.39 9.48 -0.06
CA VAL A 144 10.70 10.10 -0.40
C VAL A 144 11.35 9.31 -1.52
#